data_7QA7
#
_entry.id   7QA7
#
_cell.length_a   50.197
_cell.length_b   69.361
_cell.length_c   118.137
_cell.angle_alpha   90.000
_cell.angle_beta   90.000
_cell.angle_gamma   90.000
#
_symmetry.space_group_name_H-M   'I 2 2 2'
#
loop_
_entity.id
_entity.type
_entity.pdbx_description
1 polymer 'Cholinephosphate cytidylyltransferase'
2 non-polymer cyclopropylmethanamine
3 water water
#
_entity_poly.entity_id   1
_entity_poly.type   'polypeptide(L)'
_entity_poly.pdbx_seq_one_letter_code
;GHMAVPDDDDDDDNSNDESEYESSQMDSEKNKGSIKNSKNVVIYADGVYDMLHLGHMKQLEQAKKLFENTTLIVGVTSDN
ETKLFKGQVVQTLEERTETLKHIRWVDEIISPCPWVVTPEFLEKYKIDYVAHDDIPYANNQKEDIYAWLKRAGKFKATQR
TEGVSTTDLIVRILKNYEDY
;
_entity_poly.pdbx_strand_id   A
#
loop_
_chem_comp.id
_chem_comp.type
_chem_comp.name
_chem_comp.formula
9L6 non-polymer cyclopropylmethanamine 'C4 H9 N'
#
# COMPACT_ATOMS: atom_id res chain seq x y z
N SER A 38 3.64 8.20 -23.86
CA SER A 38 4.69 8.87 -23.06
C SER A 38 5.67 7.81 -22.51
N LYS A 39 6.68 8.25 -21.76
CA LYS A 39 7.69 7.32 -21.22
C LYS A 39 7.10 6.56 -20.02
N ASN A 40 7.66 5.40 -19.70
CA ASN A 40 7.08 4.58 -18.63
C ASN A 40 7.65 4.97 -17.27
N VAL A 41 6.76 5.32 -16.35
CA VAL A 41 7.12 5.82 -15.01
C VAL A 41 6.96 4.68 -14.01
N VAL A 42 8.01 4.41 -13.24
CA VAL A 42 7.96 3.35 -12.23
C VAL A 42 7.49 3.95 -10.91
N ILE A 43 6.38 3.44 -10.40
CA ILE A 43 5.76 3.92 -9.17
C ILE A 43 5.90 2.84 -8.11
N TYR A 44 6.24 3.24 -6.89
CA TYR A 44 6.35 2.30 -5.78
C TYR A 44 5.36 2.70 -4.70
N ALA A 45 4.60 1.74 -4.21
CA ALA A 45 3.69 1.94 -3.09
C ALA A 45 3.82 0.78 -2.13
N ASP A 46 3.96 1.06 -0.85
CA ASP A 46 4.08 -0.04 0.10
C ASP A 46 2.99 0.05 1.17
N GLY A 47 2.76 -1.06 1.85
CA GLY A 47 1.76 -1.07 2.89
C GLY A 47 1.64 -2.47 3.45
N VAL A 48 0.73 -2.61 4.40
CA VAL A 48 0.47 -3.91 5.01
C VAL A 48 -0.49 -4.73 4.15
N TYR A 49 -1.58 -4.12 3.69
CA TYR A 49 -2.56 -4.78 2.84
C TYR A 49 -3.20 -5.99 3.55
N ASP A 50 -3.41 -5.87 4.86
CA ASP A 50 -4.15 -6.89 5.59
C ASP A 50 -5.62 -6.83 5.19
N MET A 51 -6.27 -8.02 5.12
CA MET A 51 -7.65 -8.15 4.66
C MET A 51 -8.05 -7.12 3.60
N LEU A 52 -7.45 -7.21 2.40
CA LEU A 52 -7.64 -6.22 1.35
C LEU A 52 -9.11 -5.85 1.12
N HIS A 53 -9.38 -4.54 1.03
CA HIS A 53 -10.73 -4.04 0.80
C HIS A 53 -10.70 -2.91 -0.22
N LEU A 54 -11.90 -2.41 -0.54
CA LEU A 54 -12.05 -1.34 -1.54
C LEU A 54 -11.14 -0.15 -1.24
N GLY A 55 -10.84 0.09 0.04
CA GLY A 55 -9.98 1.21 0.38
C GLY A 55 -8.58 1.09 -0.17
N HIS A 56 -7.94 -0.08 0.04
CA HIS A 56 -6.64 -0.32 -0.57
C HIS A 56 -6.71 -0.25 -2.08
N MET A 57 -7.74 -0.86 -2.66
CA MET A 57 -7.83 -0.91 -4.12
C MET A 57 -7.96 0.48 -4.74
N LYS A 58 -8.78 1.36 -4.15
CA LYS A 58 -8.85 2.71 -4.70
C LYS A 58 -7.51 3.41 -4.63
N GLN A 59 -6.74 3.17 -3.56
CA GLN A 59 -5.41 3.76 -3.41
C GLN A 59 -4.45 3.21 -4.46
N LEU A 60 -4.39 1.89 -4.60
CA LEU A 60 -3.59 1.30 -5.66
C LEU A 60 -3.96 1.87 -7.01
N GLU A 61 -5.25 1.94 -7.31
CA GLU A 61 -5.68 2.47 -8.60
C GLU A 61 -5.18 3.88 -8.80
N GLN A 62 -5.22 4.69 -7.74
CA GLN A 62 -4.75 6.07 -7.85
C GLN A 62 -3.24 6.12 -8.11
N ALA A 63 -2.47 5.35 -7.36
CA ALA A 63 -1.03 5.26 -7.62
C ALA A 63 -0.75 4.86 -9.07
N LYS A 64 -1.48 3.89 -9.59
CA LYS A 64 -1.27 3.39 -10.95
C LYS A 64 -1.53 4.45 -12.01
N LYS A 65 -2.48 5.36 -11.78
CA LYS A 65 -2.89 6.33 -12.78
C LYS A 65 -2.29 7.71 -12.56
N LEU A 66 -1.26 7.81 -11.72
CA LEU A 66 -0.58 9.09 -11.55
C LEU A 66 -0.03 9.61 -12.87
N PHE A 67 0.35 8.71 -13.79
CA PHE A 67 0.80 9.08 -15.12
C PHE A 67 0.16 8.15 -16.14
N GLU A 68 0.28 8.53 -17.42
CA GLU A 68 -0.43 7.79 -18.46
C GLU A 68 0.14 6.39 -18.63
N ASN A 69 1.45 6.24 -18.45
CA ASN A 69 2.12 4.95 -18.63
C ASN A 69 2.95 4.66 -17.40
N THR A 70 2.50 3.73 -16.57
CA THR A 70 3.20 3.41 -15.36
C THR A 70 3.42 1.91 -15.21
N THR A 71 4.38 1.58 -14.36
CA THR A 71 4.58 0.27 -13.76
C THR A 71 4.41 0.48 -12.27
N LEU A 72 3.36 -0.09 -11.68
CA LEU A 72 3.13 0.02 -10.25
C LEU A 72 3.77 -1.19 -9.56
N ILE A 73 4.74 -0.92 -8.70
CA ILE A 73 5.35 -1.91 -7.82
C ILE A 73 4.74 -1.72 -6.45
N VAL A 74 4.24 -2.80 -5.86
CA VAL A 74 3.64 -2.77 -4.53
C VAL A 74 4.54 -3.54 -3.57
N GLY A 75 4.86 -2.93 -2.44
CA GLY A 75 5.64 -3.57 -1.40
C GLY A 75 4.74 -3.97 -0.25
N VAL A 76 4.91 -5.22 0.20
CA VAL A 76 4.12 -5.83 1.26
C VAL A 76 5.05 -6.07 2.45
N THR A 77 4.68 -5.54 3.61
CA THR A 77 5.56 -5.56 4.76
C THR A 77 5.55 -6.94 5.43
N SER A 78 6.69 -7.29 6.04
CA SER A 78 6.82 -8.58 6.68
C SER A 78 5.93 -8.64 7.92
N ASP A 79 5.64 -9.87 8.37
CA ASP A 79 4.84 -10.04 9.59
C ASP A 79 5.55 -9.44 10.79
N ASN A 80 6.81 -9.85 11.00
CA ASN A 80 7.55 -9.45 12.20
C ASN A 80 7.59 -7.93 12.34
N GLU A 81 7.98 -7.23 11.28
CA GLU A 81 8.18 -5.80 11.42
C GLU A 81 6.86 -5.06 11.53
N THR A 82 5.82 -5.52 10.83
CA THR A 82 4.50 -4.92 11.02
C THR A 82 4.04 -5.03 12.47
N LYS A 83 4.06 -6.23 13.04
CA LYS A 83 3.64 -6.40 14.44
C LYS A 83 4.53 -5.57 15.37
N LEU A 84 5.83 -5.55 15.11
CA LEU A 84 6.75 -4.86 16.01
C LEU A 84 6.54 -3.35 15.99
N PHE A 85 6.38 -2.77 14.81
CA PHE A 85 6.31 -1.32 14.66
C PHE A 85 4.89 -0.77 14.51
N LYS A 86 3.93 -1.57 14.02
CA LYS A 86 2.63 -1.02 13.65
C LYS A 86 1.47 -1.59 14.46
N GLY A 87 1.16 -2.87 14.34
CA GLY A 87 0.03 -3.43 15.04
C GLY A 87 -0.23 -4.85 14.59
N GLN A 88 -1.34 -5.40 15.06
CA GLN A 88 -1.68 -6.78 14.75
C GLN A 88 -2.02 -6.92 13.26
N VAL A 89 -1.56 -8.03 12.68
CA VAL A 89 -1.86 -8.44 11.30
C VAL A 89 -2.61 -9.77 11.38
N VAL A 90 -3.70 -9.89 10.63
CA VAL A 90 -4.41 -11.17 10.72
C VAL A 90 -3.92 -12.15 9.65
N GLN A 91 -3.54 -11.68 8.47
CA GLN A 91 -3.08 -12.57 7.40
C GLN A 91 -1.57 -12.59 7.32
N THR A 92 -1.01 -13.75 7.02
CA THR A 92 0.43 -13.88 6.85
C THR A 92 0.90 -13.08 5.65
N LEU A 93 2.22 -12.96 5.54
CA LEU A 93 2.78 -12.34 4.35
C LEU A 93 2.32 -13.06 3.09
N GLU A 94 2.36 -14.39 3.10
CA GLU A 94 2.02 -15.15 1.90
C GLU A 94 0.59 -14.87 1.47
N GLU A 95 -0.33 -14.81 2.43
CA GLU A 95 -1.73 -14.57 2.09
C GLU A 95 -1.95 -13.13 1.63
N ARG A 96 -1.34 -12.18 2.33
CA ARG A 96 -1.51 -10.79 1.95
C ARG A 96 -1.00 -10.55 0.53
N THR A 97 0.07 -11.25 0.15
CA THR A 97 0.64 -11.10 -1.18
C THR A 97 -0.20 -11.83 -2.24
N GLU A 98 -0.72 -13.02 -1.92
CA GLU A 98 -1.51 -13.75 -2.91
C GLU A 98 -2.75 -12.98 -3.32
N THR A 99 -3.37 -12.27 -2.38
CA THR A 99 -4.54 -11.46 -2.70
C THR A 99 -4.18 -10.32 -3.65
N LEU A 100 -3.08 -9.60 -3.37
CA LEU A 100 -2.66 -8.49 -4.22
C LEU A 100 -2.38 -8.93 -5.66
N LYS A 101 -1.89 -10.15 -5.85
CA LYS A 101 -1.68 -10.66 -7.20
C LYS A 101 -2.93 -10.54 -8.07
N HIS A 102 -4.12 -10.51 -7.47
CA HIS A 102 -5.37 -10.50 -8.22
C HIS A 102 -5.90 -9.12 -8.55
N ILE A 103 -5.22 -8.05 -8.17
CA ILE A 103 -5.73 -6.70 -8.36
C ILE A 103 -5.24 -6.18 -9.69
N ARG A 104 -6.12 -5.51 -10.43
CA ARG A 104 -5.82 -5.07 -11.79
C ARG A 104 -4.65 -4.12 -11.88
N TRP A 105 -4.46 -3.27 -10.87
CA TRP A 105 -3.52 -2.16 -10.99
C TRP A 105 -2.10 -2.58 -10.70
N VAL A 106 -1.89 -3.77 -10.18
CA VAL A 106 -0.62 -4.19 -9.60
C VAL A 106 0.23 -4.85 -10.67
N ASP A 107 1.38 -4.26 -10.97
CA ASP A 107 2.26 -4.80 -12.00
C ASP A 107 3.36 -5.68 -11.45
N GLU A 108 3.96 -5.30 -10.31
CA GLU A 108 4.98 -6.10 -9.67
C GLU A 108 4.80 -5.99 -8.17
N ILE A 109 5.16 -7.06 -7.46
CA ILE A 109 5.11 -7.09 -6.00
C ILE A 109 6.52 -7.39 -5.49
N ILE A 110 6.94 -6.65 -4.46
CA ILE A 110 8.13 -7.00 -3.68
C ILE A 110 7.66 -7.50 -2.31
N SER A 111 7.94 -8.76 -2.02
CA SER A 111 7.39 -9.41 -0.83
C SER A 111 8.40 -10.34 -0.19
N PRO A 112 8.91 -10.05 1.01
CA PRO A 112 8.58 -8.87 1.82
C PRO A 112 9.28 -7.64 1.30
N CYS A 113 8.80 -6.45 1.65
CA CYS A 113 9.50 -5.24 1.25
C CYS A 113 10.26 -4.69 2.43
N PRO A 114 11.23 -3.82 2.19
CA PRO A 114 11.86 -3.11 3.32
C PRO A 114 10.80 -2.33 4.07
N TRP A 115 10.97 -2.28 5.40
CA TRP A 115 10.10 -1.44 6.22
C TRP A 115 10.37 0.05 6.01
N VAL A 116 11.65 0.42 5.82
CA VAL A 116 12.03 1.80 5.55
C VAL A 116 12.57 1.87 4.14
N VAL A 117 12.01 2.78 3.34
CA VAL A 117 12.48 3.04 1.99
C VAL A 117 13.75 3.88 2.06
N THR A 118 14.71 3.55 1.20
CA THR A 118 16.01 4.19 1.15
C THR A 118 16.35 4.61 -0.27
N PRO A 119 17.25 5.59 -0.45
CA PRO A 119 17.65 5.96 -1.83
C PRO A 119 18.29 4.80 -2.59
N GLU A 120 19.06 3.95 -1.91
CA GLU A 120 19.63 2.77 -2.56
C GLU A 120 18.53 1.86 -3.09
N PHE A 121 17.43 1.72 -2.34
CA PHE A 121 16.30 0.92 -2.81
C PHE A 121 15.70 1.49 -4.09
N LEU A 122 15.49 2.81 -4.14
CA LEU A 122 14.97 3.44 -5.35
C LEU A 122 15.89 3.25 -6.54
N GLU A 123 17.20 3.39 -6.34
CA GLU A 123 18.12 3.18 -7.46
C GLU A 123 18.06 1.74 -7.95
N LYS A 124 18.06 0.78 -7.04
CA LYS A 124 18.15 -0.62 -7.43
C LYS A 124 16.98 -1.02 -8.32
N TYR A 125 15.77 -0.60 -7.97
CA TYR A 125 14.55 -0.98 -8.70
C TYR A 125 14.07 0.10 -9.66
N LYS A 126 14.91 1.10 -9.92
CA LYS A 126 14.63 2.12 -10.94
C LYS A 126 13.28 2.79 -10.69
N ILE A 127 13.04 3.15 -9.44
CA ILE A 127 11.78 3.75 -9.02
C ILE A 127 11.81 5.24 -9.21
N ASP A 128 10.82 5.77 -9.94
CA ASP A 128 10.72 7.21 -10.15
C ASP A 128 9.92 7.91 -9.04
N TYR A 129 8.87 7.28 -8.50
CA TYR A 129 8.06 7.93 -7.47
C TYR A 129 7.56 6.94 -6.43
N VAL A 130 7.47 7.40 -5.20
CA VAL A 130 6.90 6.65 -4.09
C VAL A 130 5.51 7.21 -3.85
N ALA A 131 4.49 6.35 -3.85
CA ALA A 131 3.09 6.78 -3.72
C ALA A 131 2.58 6.42 -2.35
N HIS A 132 2.24 7.44 -1.57
CA HIS A 132 1.98 7.33 -0.14
C HIS A 132 0.82 8.25 0.19
N ASP A 133 0.34 8.19 1.43
CA ASP A 133 -0.67 9.15 1.86
C ASP A 133 -0.26 9.94 3.10
N ASP A 134 1.03 9.93 3.46
CA ASP A 134 1.59 10.32 4.77
C ASP A 134 0.54 10.61 5.84
N ILE A 135 0.09 9.55 6.52
CA ILE A 135 -0.97 9.64 7.52
C ILE A 135 -0.75 8.58 8.61
N GLU A 143 10.73 13.30 12.59
CA GLU A 143 9.43 13.92 12.34
C GLU A 143 8.78 13.32 11.09
N ASP A 144 8.97 13.99 9.95
CA ASP A 144 8.51 13.48 8.66
C ASP A 144 9.58 12.56 8.09
N ILE A 145 9.31 11.25 8.13
CA ILE A 145 10.25 10.26 7.63
C ILE A 145 10.34 10.26 6.10
N TYR A 146 9.48 11.04 5.43
CA TYR A 146 9.44 11.07 3.98
C TYR A 146 9.91 12.41 3.43
N ALA A 147 10.57 13.24 4.24
CA ALA A 147 11.01 14.55 3.79
C ALA A 147 12.04 14.44 2.67
N TRP A 148 12.98 13.50 2.80
CA TRP A 148 13.96 13.33 1.73
C TRP A 148 13.30 12.96 0.43
N LEU A 149 12.17 12.22 0.48
CA LEU A 149 11.47 11.87 -0.75
C LEU A 149 10.87 13.09 -1.41
N LYS A 150 10.27 13.97 -0.62
CA LYS A 150 9.73 15.21 -1.16
C LYS A 150 10.85 16.09 -1.71
N ARG A 151 11.98 16.18 -0.99
CA ARG A 151 13.10 16.99 -1.45
C ARG A 151 13.63 16.50 -2.79
N ALA A 152 13.56 15.21 -3.03
CA ALA A 152 14.08 14.64 -4.27
C ALA A 152 13.07 14.69 -5.40
N GLY A 153 11.88 15.24 -5.16
CA GLY A 153 10.81 15.25 -6.15
C GLY A 153 10.20 13.89 -6.40
N LYS A 154 10.41 12.94 -5.49
CA LYS A 154 10.03 11.56 -5.70
C LYS A 154 8.79 11.13 -4.91
N PHE A 155 8.00 12.08 -4.40
CA PHE A 155 6.85 11.77 -3.56
C PHE A 155 5.56 12.17 -4.27
N LYS A 156 4.60 11.25 -4.29
CA LYS A 156 3.27 11.50 -4.85
C LYS A 156 2.22 11.01 -3.87
N ALA A 157 1.35 11.93 -3.46
CA ALA A 157 0.32 11.60 -2.48
C ALA A 157 -0.84 10.88 -3.12
N THR A 158 -1.35 9.86 -2.41
CA THR A 158 -2.64 9.24 -2.64
C THR A 158 -3.46 9.40 -1.35
N GLN A 159 -4.73 8.99 -1.36
CA GLN A 159 -5.61 9.19 -0.20
C GLN A 159 -6.28 7.90 0.23
N ARG A 160 -6.80 7.90 1.46
CA ARG A 160 -7.63 6.80 1.98
C ARG A 160 -9.11 7.07 1.70
N THR A 161 -9.87 6.00 1.67
CA THR A 161 -11.33 6.07 1.68
C THR A 161 -11.79 5.50 3.02
N GLU A 162 -12.48 6.30 3.81
CA GLU A 162 -12.94 5.81 5.09
C GLU A 162 -14.21 4.98 4.93
N GLY A 163 -14.48 4.15 5.94
CA GLY A 163 -15.75 3.45 6.03
C GLY A 163 -15.94 2.30 5.05
N VAL A 164 -14.94 1.93 4.27
CA VAL A 164 -15.06 0.85 3.30
C VAL A 164 -14.37 -0.42 3.77
N SER A 165 -13.89 -0.45 5.01
CA SER A 165 -12.94 -1.47 5.44
C SER A 165 -13.65 -2.77 5.79
N THR A 166 -12.85 -3.83 5.85
CA THR A 166 -13.38 -5.14 6.15
C THR A 166 -13.94 -5.19 7.58
N THR A 167 -13.25 -4.57 8.53
CA THR A 167 -13.80 -4.50 9.88
C THR A 167 -15.14 -3.75 9.90
N ASP A 168 -15.28 -2.73 9.05
CA ASP A 168 -16.54 -1.99 8.98
C ASP A 168 -17.68 -2.89 8.52
N LEU A 169 -17.41 -3.80 7.60
CA LEU A 169 -18.47 -4.68 7.10
C LEU A 169 -18.95 -5.62 8.18
N ILE A 170 -18.08 -6.03 9.10
CA ILE A 170 -18.53 -6.88 10.19
C ILE A 170 -19.38 -6.08 11.18
N VAL A 171 -19.04 -4.80 11.38
CA VAL A 171 -19.90 -3.92 12.16
C VAL A 171 -21.31 -3.88 11.55
N ARG A 172 -21.39 -3.78 10.23
CA ARG A 172 -22.69 -3.80 9.55
C ARG A 172 -23.44 -5.10 9.81
N ILE A 173 -22.72 -6.24 9.85
CA ILE A 173 -23.38 -7.51 10.10
C ILE A 173 -24.00 -7.51 11.48
N LEU A 174 -23.30 -6.91 12.44
CA LEU A 174 -23.69 -7.00 13.83
C LEU A 174 -24.86 -6.08 14.14
N LYS A 175 -25.02 -5.01 13.38
CA LYS A 175 -26.16 -4.08 13.59
C LYS A 175 -27.48 -4.82 13.48
N ASN A 176 -27.50 -6.01 12.86
CA ASN A 176 -28.78 -6.74 12.64
C ASN A 176 -29.22 -7.44 13.93
N TYR A 177 -28.34 -7.54 14.92
CA TYR A 177 -28.69 -8.17 16.22
C TYR A 177 -28.92 -7.05 17.24
N GLU A 178 -30.17 -6.85 17.64
CA GLU A 178 -30.51 -5.70 18.52
C GLU A 178 -30.00 -5.94 19.94
N ASP A 179 -29.43 -4.90 20.55
CA ASP A 179 -28.88 -5.03 21.91
C ASP A 179 -29.97 -5.51 22.86
N TYR A 180 -31.22 -5.10 22.61
CA TYR A 180 -32.33 -5.60 23.44
C TYR A 180 -33.44 -6.23 22.59
C02 9L6 B . 5.98 0.60 5.78
C03 9L6 B . 4.50 0.76 5.51
C04 9L6 B . 3.74 1.62 6.49
C05 9L6 B . 3.57 0.12 6.52
N01 9L6 B . 6.71 1.12 4.62
#